data_3VRG
#
_entry.id   3VRG
#
_cell.length_a   109.398
_cell.length_b   61.473
_cell.length_c   53.488
_cell.angle_alpha   90.00
_cell.angle_beta   110.08
_cell.angle_gamma   90.00
#
_symmetry.space_group_name_H-M   'C 1 2 1'
#
loop_
_entity.id
_entity.type
_entity.pdbx_description
1 polymer 'Hemoglobin subunit alpha'
2 polymer 'Hemoglobin subunit beta/delta hybrid'
3 non-polymer 'PROTOPORPHYRIN IX CONTAINING FE'
4 non-polymer 'SULFATE ION'
5 water water
#
loop_
_entity_poly.entity_id
_entity_poly.type
_entity_poly.pdbx_seq_one_letter_code
_entity_poly.pdbx_strand_id
1 'polypeptide(L)'
;VLSDNDKTNVKATWSKVGDHASDYVAEALERMFFSFPTTKTYFPHFDLSHGSGQVKGHGKKVGEALTQAVGHLDDLPSAL
SALSDLHAHKLRVDPVNFKLLSHCLLVTLSSHQPTEFTPEVHASLDKFLSNVSTVLTSKYR
;
A
2 'polypeptide(L)'
;VNLTAAEKTQVANLWGKVNVKELGGEALSRLLVVYPWTRRFFEHFGDLSTADAVLHNAKVLAHGEKVLTSFGEGLKHLDN
LKGTFSDLSELHCDKLHVDPQNFRLLGNVLVIVLARHFGKEFTPDVQAAYEKVVAGVANALAHKYH
;
B
#
loop_
_chem_comp.id
_chem_comp.type
_chem_comp.name
_chem_comp.formula
HEM non-polymer 'PROTOPORPHYRIN IX CONTAINING FE' 'C34 H32 Fe N4 O4'
SO4 non-polymer 'SULFATE ION' 'O4 S -2'
#
# COMPACT_ATOMS: atom_id res chain seq x y z
N VAL A 1 -2.31 7.12 -15.37
CA VAL A 1 -2.00 6.05 -16.38
C VAL A 1 -3.01 5.96 -17.47
N LEU A 2 -2.89 4.88 -18.24
CA LEU A 2 -3.21 4.97 -19.57
C LEU A 2 -4.60 5.55 -19.69
N SER A 3 -5.63 5.06 -18.99
CA SER A 3 -6.99 5.44 -19.40
C SER A 3 -7.27 6.91 -19.20
N ASP A 4 -8.20 7.46 -19.98
CA ASP A 4 -8.52 8.88 -19.87
C ASP A 4 -9.01 9.25 -18.43
N ASN A 5 -9.86 8.40 -17.83
CA ASN A 5 -10.35 8.63 -16.50
C ASN A 5 -9.21 8.62 -15.44
N ASP A 6 -8.34 7.63 -15.56
CA ASP A 6 -7.17 7.56 -14.67
C ASP A 6 -6.25 8.73 -14.84
N LYS A 7 -6.02 9.18 -16.07
CA LYS A 7 -5.22 10.38 -16.27
C LYS A 7 -5.83 11.58 -15.58
N THR A 8 -7.15 11.77 -15.72
CA THR A 8 -7.77 12.89 -15.05
C THR A 8 -7.65 12.85 -13.52
N ASN A 9 -7.87 11.63 -13.00
CA ASN A 9 -7.77 11.49 -11.56
C ASN A 9 -6.31 11.77 -11.07
N VAL A 10 -5.30 11.23 -11.77
CA VAL A 10 -3.90 11.42 -11.31
C VAL A 10 -3.52 12.94 -11.39
N LYS A 11 -3.93 13.60 -12.51
CA LYS A 11 -3.56 15.02 -12.58
C LYS A 11 -4.24 15.83 -11.47
N ALA A 12 -5.49 15.50 -11.11
CA ALA A 12 -6.18 16.15 -10.06
C ALA A 12 -5.50 15.95 -8.75
N THR A 13 -5.19 14.66 -8.43
CA THR A 13 -4.54 14.35 -7.19
C THR A 13 -3.17 15.02 -7.05
N TRP A 14 -2.39 14.98 -8.14
CA TRP A 14 -1.07 15.58 -8.10
C TRP A 14 -1.13 17.11 -8.01
N SER A 15 -2.21 17.70 -8.57
CA SER A 15 -2.35 19.16 -8.41
C SER A 15 -2.61 19.54 -6.97
N LYS A 16 -3.33 18.69 -6.25
CA LYS A 16 -3.61 18.96 -4.83
C LYS A 16 -2.41 18.65 -3.93
N VAL A 17 -1.54 17.75 -4.41
CA VAL A 17 -0.25 17.53 -3.70
C VAL A 17 0.52 18.84 -3.92
N GLY A 18 0.62 19.26 -5.20
CA GLY A 18 1.24 20.58 -5.51
C GLY A 18 2.58 20.77 -4.85
N ASP A 19 2.74 21.86 -4.07
CA ASP A 19 4.04 22.21 -3.49
C ASP A 19 4.43 21.33 -2.32
N HIS A 20 3.56 20.39 -1.94
CA HIS A 20 3.94 19.41 -0.92
C HIS A 20 4.68 18.23 -1.54
N ALA A 21 4.84 18.18 -2.85
CA ALA A 21 5.44 16.95 -3.47
C ALA A 21 6.76 16.57 -2.79
N SER A 22 7.71 17.49 -2.67
CA SER A 22 9.04 17.15 -2.15
C SER A 22 8.92 16.61 -0.74
N ASP A 23 8.11 17.23 0.14
CA ASP A 23 7.96 16.78 1.50
C ASP A 23 7.27 15.39 1.55
N TYR A 24 6.22 15.20 0.74
CA TYR A 24 5.51 13.94 0.77
C TYR A 24 6.39 12.80 0.23
N VAL A 25 7.19 13.08 -0.79
CA VAL A 25 8.06 12.01 -1.31
C VAL A 25 9.20 11.71 -0.33
N ALA A 26 9.75 12.73 0.35
CA ALA A 26 10.74 12.40 1.40
C ALA A 26 10.17 11.57 2.51
N GLU A 27 8.95 11.91 2.91
CA GLU A 27 8.22 11.11 3.89
C GLU A 27 7.98 9.64 3.41
N ALA A 28 7.60 9.50 2.14
CA ALA A 28 7.38 8.14 1.62
C ALA A 28 8.65 7.33 1.64
N LEU A 29 9.78 7.95 1.28
CA LEU A 29 11.10 7.28 1.37
C LEU A 29 11.41 6.89 2.79
N GLU A 30 11.20 7.81 3.79
CA GLU A 30 11.42 7.41 5.17
C GLU A 30 10.54 6.24 5.58
N ARG A 31 9.27 6.31 5.17
CA ARG A 31 8.36 5.20 5.49
C ARG A 31 8.85 3.89 4.91
N MET A 32 9.40 3.92 3.70
CA MET A 32 9.95 2.74 3.07
C MET A 32 11.15 2.20 3.83
N PHE A 33 12.08 3.10 4.17
CA PHE A 33 13.28 2.68 4.91
C PHE A 33 12.93 2.12 6.28
N PHE A 34 11.97 2.70 6.96
CA PHE A 34 11.56 2.26 8.31
C PHE A 34 10.81 0.93 8.25
N SER A 35 9.91 0.82 7.27
CA SER A 35 9.04 -0.36 7.25
C SER A 35 9.65 -1.54 6.55
N PHE A 36 10.55 -1.30 5.58
CA PHE A 36 11.06 -2.33 4.73
C PHE A 36 12.60 -2.16 4.68
N PRO A 37 13.26 -2.61 5.75
CA PRO A 37 14.70 -2.29 5.90
C PRO A 37 15.61 -2.81 4.82
N THR A 38 15.22 -3.85 4.11
CA THR A 38 15.99 -4.30 2.93
C THR A 38 16.24 -3.15 1.92
N THR A 39 15.35 -2.15 1.85
CA THR A 39 15.48 -1.08 0.86
C THR A 39 16.61 -0.14 1.23
N LYS A 40 17.04 -0.13 2.50
CA LYS A 40 18.11 0.81 2.93
C LYS A 40 19.43 0.46 2.24
N THR A 41 19.61 -0.80 1.84
CA THR A 41 20.90 -1.21 1.28
C THR A 41 21.20 -0.55 -0.09
N TYR A 42 20.19 0.13 -0.68
CA TYR A 42 20.45 0.90 -1.90
C TYR A 42 21.04 2.28 -1.60
N PHE A 43 21.03 2.66 -0.34
CA PHE A 43 21.46 4.03 0.03
C PHE A 43 22.47 4.01 1.18
N PRO A 44 23.50 3.13 1.08
CA PRO A 44 24.53 3.15 2.14
C PRO A 44 25.24 4.47 2.23
N HIS A 45 25.26 5.21 1.11
CA HIS A 45 25.97 6.50 1.06
C HIS A 45 25.15 7.60 1.70
N PHE A 46 23.88 7.33 2.10
CA PHE A 46 23.07 8.36 2.76
C PHE A 46 23.01 8.18 4.26
N ASP A 47 22.91 9.33 4.98
CA ASP A 47 22.32 9.31 6.30
C ASP A 47 20.79 9.09 6.08
N LEU A 48 20.28 8.01 6.67
CA LEU A 48 18.86 7.69 6.58
C LEU A 48 18.10 7.97 7.84
N SER A 49 18.73 8.66 8.77
CA SER A 49 17.98 8.98 9.98
C SER A 49 16.96 10.10 9.65
N HIS A 50 15.94 10.23 10.49
CA HIS A 50 14.95 11.28 10.32
C HIS A 50 15.53 12.69 10.18
N GLY A 51 15.04 13.51 9.24
CA GLY A 51 15.58 14.85 9.08
C GLY A 51 16.80 14.92 8.19
N SER A 52 17.14 13.80 7.58
CA SER A 52 18.33 13.69 6.75
C SER A 52 18.28 14.70 5.58
N GLY A 53 19.31 15.53 5.41
CA GLY A 53 19.37 16.38 4.22
C GLY A 53 19.44 15.56 2.91
N GLN A 54 20.12 14.42 3.00
CA GLN A 54 20.22 13.59 1.81
C GLN A 54 18.83 12.99 1.41
N VAL A 55 18.09 12.58 2.41
CA VAL A 55 16.74 12.01 2.10
C VAL A 55 15.83 13.14 1.64
N LYS A 56 15.94 14.32 2.21
CA LYS A 56 15.07 15.41 1.76
C LYS A 56 15.43 15.85 0.34
N GLY A 57 16.74 15.93 0.03
CA GLY A 57 17.15 16.27 -1.33
C GLY A 57 16.73 15.27 -2.37
N HIS A 58 16.89 14.00 -1.97
CA HIS A 58 16.49 12.97 -2.92
C HIS A 58 14.96 12.92 -3.12
N GLY A 59 14.20 13.12 -2.06
CA GLY A 59 12.73 13.21 -2.19
C GLY A 59 12.36 14.32 -3.14
N LYS A 60 13.03 15.50 -3.06
CA LYS A 60 12.74 16.52 -4.05
C LYS A 60 12.97 16.06 -5.47
N LYS A 61 14.11 15.40 -5.72
CA LYS A 61 14.37 14.93 -7.08
C LYS A 61 13.35 13.86 -7.52
N VAL A 62 13.05 12.91 -6.59
CA VAL A 62 12.06 11.89 -7.00
C VAL A 62 10.66 12.52 -7.26
N GLY A 63 10.28 13.47 -6.39
CA GLY A 63 9.04 14.19 -6.64
C GLY A 63 9.05 14.94 -7.95
N GLU A 64 10.19 15.56 -8.33
CA GLU A 64 10.24 16.22 -9.64
C GLU A 64 10.05 15.30 -10.78
N ALA A 65 10.62 14.07 -10.64
CA ALA A 65 10.40 13.10 -11.69
C ALA A 65 8.95 12.65 -11.75
N LEU A 66 8.30 12.43 -10.60
CA LEU A 66 6.87 12.16 -10.61
C LEU A 66 6.04 13.28 -11.23
N THR A 67 6.38 14.54 -10.91
CA THR A 67 5.69 15.68 -11.52
C THR A 67 5.90 15.65 -13.04
N GLN A 68 7.12 15.39 -13.50
CA GLN A 68 7.33 15.26 -14.98
C GLN A 68 6.50 14.14 -15.59
N ALA A 69 6.40 12.99 -14.89
CA ALA A 69 5.60 11.93 -15.38
C ALA A 69 4.14 12.28 -15.50
N VAL A 70 3.59 12.96 -14.48
CA VAL A 70 2.18 13.37 -14.51
C VAL A 70 1.96 14.29 -15.71
N GLY A 71 2.98 15.04 -16.11
CA GLY A 71 2.83 15.87 -17.34
C GLY A 71 3.09 15.19 -18.67
N HIS A 72 3.46 13.92 -18.67
CA HIS A 72 3.89 13.19 -19.88
C HIS A 72 3.34 11.78 -19.87
N LEU A 73 2.06 11.67 -19.55
CA LEU A 73 1.44 10.34 -19.40
C LEU A 73 1.35 9.56 -20.71
N ASP A 74 1.40 10.26 -21.84
CA ASP A 74 1.44 9.58 -23.14
C ASP A 74 2.83 9.24 -23.70
N ASP A 75 3.90 9.65 -23.00
CA ASP A 75 5.25 9.33 -23.48
C ASP A 75 6.19 9.14 -22.29
N LEU A 76 5.75 8.35 -21.33
CA LEU A 76 6.64 8.04 -20.19
C LEU A 76 7.95 7.33 -20.57
N PRO A 77 7.95 6.39 -21.57
CA PRO A 77 9.27 5.80 -21.88
C PRO A 77 10.35 6.82 -22.29
N SER A 78 9.98 7.77 -23.13
CA SER A 78 10.92 8.82 -23.50
C SER A 78 11.22 9.77 -22.33
N ALA A 79 10.18 10.19 -21.60
CA ALA A 79 10.38 11.18 -20.56
C ALA A 79 11.28 10.63 -19.45
N LEU A 80 11.13 9.32 -19.20
CA LEU A 80 11.89 8.69 -18.11
C LEU A 80 13.09 7.85 -18.58
N SER A 81 13.49 8.01 -19.85
CA SER A 81 14.54 7.14 -20.44
C SER A 81 15.81 7.10 -19.62
N ALA A 82 16.32 8.25 -19.21
CA ALA A 82 17.60 8.24 -18.50
C ALA A 82 17.44 7.58 -17.14
N LEU A 83 16.28 7.76 -16.53
CA LEU A 83 16.05 7.16 -15.25
C LEU A 83 15.87 5.65 -15.33
N SER A 84 15.29 5.15 -16.44
CA SER A 84 15.19 3.70 -16.68
C SER A 84 16.63 3.12 -16.78
N ASP A 85 17.52 3.79 -17.52
CA ASP A 85 18.88 3.32 -17.56
C ASP A 85 19.53 3.30 -16.20
N LEU A 86 19.34 4.35 -15.41
CA LEU A 86 19.94 4.39 -14.14
C LEU A 86 19.45 3.27 -13.24
N HIS A 87 18.11 3.10 -13.14
CA HIS A 87 17.61 2.12 -12.16
C HIS A 87 17.82 0.68 -12.57
N ALA A 88 17.75 0.40 -13.88
CA ALA A 88 17.80 -1.02 -14.29
C ALA A 88 19.28 -1.41 -14.57
N HIS A 89 19.97 -0.60 -15.36
CA HIS A 89 21.34 -0.90 -15.79
C HIS A 89 22.37 -0.65 -14.70
N LYS A 90 22.37 0.56 -14.12
CA LYS A 90 23.42 0.93 -13.19
C LYS A 90 23.16 0.43 -11.78
N LEU A 91 22.00 0.77 -11.22
CA LEU A 91 21.69 0.44 -9.86
C LEU A 91 21.13 -0.99 -9.62
N ARG A 92 20.62 -1.55 -10.72
CA ARG A 92 20.04 -2.92 -10.62
C ARG A 92 19.03 -3.06 -9.47
N VAL A 93 18.10 -2.07 -9.38
CA VAL A 93 17.07 -2.16 -8.40
C VAL A 93 16.10 -3.34 -8.61
N ASP A 94 15.93 -4.10 -7.57
CA ASP A 94 14.98 -5.29 -7.62
C ASP A 94 13.56 -4.73 -7.89
N PRO A 95 12.86 -5.22 -8.90
CA PRO A 95 11.47 -4.77 -9.15
C PRO A 95 10.58 -4.78 -7.93
N VAL A 96 10.74 -5.66 -6.93
CA VAL A 96 9.88 -5.63 -5.77
C VAL A 96 9.95 -4.27 -5.07
N ASN A 97 11.09 -3.61 -5.14
CA ASN A 97 11.26 -2.43 -4.34
C ASN A 97 10.43 -1.29 -4.86
N PHE A 98 10.12 -1.27 -6.15
CA PHE A 98 9.23 -0.25 -6.67
C PHE A 98 7.86 -0.39 -6.08
N LYS A 99 7.43 -1.61 -5.86
CA LYS A 99 6.13 -1.79 -5.20
C LYS A 99 6.10 -1.21 -3.77
N LEU A 100 7.22 -1.40 -3.08
CA LEU A 100 7.33 -0.89 -1.71
C LEU A 100 7.30 0.62 -1.67
N LEU A 101 8.09 1.24 -2.54
CA LEU A 101 8.04 2.71 -2.57
C LEU A 101 6.64 3.17 -2.98
N SER A 102 6.04 2.51 -3.99
CA SER A 102 4.69 2.95 -4.40
C SER A 102 3.72 2.84 -3.27
N HIS A 103 3.72 1.72 -2.54
CA HIS A 103 2.87 1.58 -1.40
C HIS A 103 3.08 2.69 -0.38
N CYS A 104 4.34 2.99 -0.08
CA CYS A 104 4.56 4.09 0.88
C CYS A 104 4.14 5.47 0.41
N LEU A 105 4.18 5.69 -0.91
CA LEU A 105 3.62 6.95 -1.47
C LEU A 105 2.14 6.97 -1.29
N LEU A 106 1.45 5.85 -1.50
CA LEU A 106 0.03 5.81 -1.23
C LEU A 106 -0.29 6.04 0.25
N VAL A 107 0.46 5.40 1.13
CA VAL A 107 0.26 5.62 2.56
C VAL A 107 0.42 7.09 2.88
N THR A 108 1.47 7.71 2.37
CA THR A 108 1.77 9.11 2.67
C THR A 108 0.64 9.99 2.19
N LEU A 109 0.20 9.81 0.97
CA LEU A 109 -0.88 10.64 0.46
C LEU A 109 -2.17 10.42 1.24
N SER A 110 -2.50 9.17 1.53
CA SER A 110 -3.75 8.86 2.27
C SER A 110 -3.68 9.56 3.63
N SER A 111 -2.53 9.55 4.27
CA SER A 111 -2.40 10.17 5.62
C SER A 111 -2.60 11.68 5.59
N HIS A 112 -2.05 12.32 4.57
CA HIS A 112 -2.02 13.77 4.54
C HIS A 112 -3.21 14.37 3.92
N GLN A 113 -3.83 13.72 2.92
CA GLN A 113 -5.08 14.18 2.24
C GLN A 113 -6.23 13.15 2.24
N PRO A 114 -6.66 12.84 3.45
CA PRO A 114 -7.59 11.67 3.58
C PRO A 114 -8.91 11.84 2.88
N THR A 115 -9.47 13.06 2.85
CA THR A 115 -10.74 13.23 2.22
C THR A 115 -10.63 13.13 0.70
N GLU A 116 -9.46 13.53 0.19
CA GLU A 116 -9.16 13.50 -1.20
C GLU A 116 -8.84 12.09 -1.68
N PHE A 117 -8.46 11.21 -0.75
CA PHE A 117 -7.92 9.92 -1.15
C PHE A 117 -9.09 8.89 -1.20
N THR A 118 -9.98 9.04 -2.17
CA THR A 118 -11.09 8.13 -2.31
C THR A 118 -10.66 6.77 -2.88
N PRO A 119 -11.52 5.77 -2.91
CA PRO A 119 -11.15 4.52 -3.55
C PRO A 119 -10.80 4.70 -5.04
N GLU A 120 -11.51 5.59 -5.73
CA GLU A 120 -11.22 5.84 -7.17
C GLU A 120 -9.87 6.51 -7.31
N VAL A 121 -9.55 7.49 -6.47
CA VAL A 121 -8.24 8.14 -6.52
C VAL A 121 -7.14 7.11 -6.20
N HIS A 122 -7.35 6.22 -5.23
CA HIS A 122 -6.36 5.22 -4.83
C HIS A 122 -6.14 4.30 -6.09
N ALA A 123 -7.21 3.83 -6.74
CA ALA A 123 -7.02 2.90 -7.87
C ALA A 123 -6.22 3.62 -9.00
N SER A 124 -6.55 4.88 -9.28
CA SER A 124 -5.88 5.57 -10.36
C SER A 124 -4.43 5.85 -10.04
N LEU A 125 -4.14 6.24 -8.80
CA LEU A 125 -2.76 6.52 -8.44
C LEU A 125 -1.95 5.25 -8.42
N ASP A 126 -2.55 4.15 -7.92
CA ASP A 126 -1.87 2.82 -8.00
C ASP A 126 -1.48 2.46 -9.45
N LYS A 127 -2.39 2.68 -10.36
CA LYS A 127 -2.08 2.41 -11.76
C LYS A 127 -1.01 3.34 -12.29
N PHE A 128 -1.03 4.62 -11.89
CA PHE A 128 0.07 5.50 -12.29
C PHE A 128 1.42 5.03 -11.75
N LEU A 129 1.49 4.74 -10.44
CA LEU A 129 2.79 4.33 -9.87
C LEU A 129 3.23 2.99 -10.48
N SER A 130 2.31 2.09 -10.80
CA SER A 130 2.71 0.82 -11.49
C SER A 130 3.25 1.17 -12.88
N ASN A 131 2.66 2.15 -13.58
CA ASN A 131 3.12 2.44 -14.95
C ASN A 131 4.54 3.06 -14.84
N VAL A 132 4.76 3.99 -13.91
CA VAL A 132 6.08 4.57 -13.73
C VAL A 132 7.11 3.50 -13.39
N SER A 133 6.72 2.58 -12.50
CA SER A 133 7.65 1.48 -12.08
C SER A 133 7.95 0.57 -13.25
N THR A 134 6.98 0.32 -14.08
CA THR A 134 7.19 -0.56 -15.26
C THR A 134 8.18 0.10 -16.22
N VAL A 135 8.03 1.42 -16.41
CA VAL A 135 8.96 2.09 -17.29
C VAL A 135 10.37 2.07 -16.70
N LEU A 136 10.52 2.34 -15.40
CA LEU A 136 11.81 2.34 -14.72
C LEU A 136 12.51 1.00 -14.69
N THR A 137 11.74 -0.09 -14.87
CA THR A 137 12.34 -1.46 -14.89
C THR A 137 12.35 -2.01 -16.30
N SER A 138 12.12 -1.19 -17.33
CA SER A 138 11.83 -1.70 -18.70
C SER A 138 13.05 -2.32 -19.32
N LYS A 139 14.22 -1.92 -18.85
CA LYS A 139 15.44 -2.43 -19.45
C LYS A 139 15.84 -3.80 -18.90
N TYR A 140 14.98 -4.40 -18.07
CA TYR A 140 15.25 -5.74 -17.54
C TYR A 140 15.25 -6.80 -18.63
N ARG A 141 16.28 -6.68 -19.49
CA ARG A 141 16.51 -7.42 -20.76
C ARG A 141 17.80 -8.28 -20.87
N VAL B 1 8.31 -9.75 11.90
CA VAL B 1 6.94 -9.76 12.50
C VAL B 1 7.01 -10.04 14.01
N ASN B 2 8.25 -10.00 14.51
CA ASN B 2 8.56 -9.89 15.94
C ASN B 2 8.62 -8.40 16.31
N LEU B 3 7.83 -8.02 17.30
CA LEU B 3 7.62 -6.62 17.59
C LEU B 3 8.38 -6.16 18.82
N THR B 4 8.99 -4.98 18.74
CA THR B 4 9.57 -4.36 19.94
C THR B 4 8.44 -4.09 20.91
N ALA B 5 8.78 -3.90 22.18
CA ALA B 5 7.76 -3.59 23.19
C ALA B 5 7.08 -2.30 22.81
N ALA B 6 7.86 -1.31 22.36
CA ALA B 6 7.30 -0.02 21.92
C ALA B 6 6.32 -0.20 20.74
N GLU B 7 6.62 -1.17 19.87
CA GLU B 7 5.79 -1.44 18.69
C GLU B 7 4.50 -2.19 19.09
N LYS B 8 4.60 -3.14 20.03
CA LYS B 8 3.41 -3.83 20.58
C LYS B 8 2.40 -2.83 21.14
N THR B 9 2.90 -1.84 21.86
CA THR B 9 2.14 -0.76 22.44
C THR B 9 1.52 0.23 21.43
N GLN B 10 2.26 0.55 20.38
CA GLN B 10 1.74 1.42 19.35
C GLN B 10 0.58 0.73 18.65
N VAL B 11 0.77 -0.56 18.38
CA VAL B 11 -0.26 -1.40 17.73
C VAL B 11 -1.57 -1.32 18.56
N ALA B 12 -1.47 -1.52 19.89
CA ALA B 12 -2.69 -1.49 20.75
C ALA B 12 -3.38 -0.18 20.90
N ASN B 13 -2.65 0.91 21.02
CA ASN B 13 -3.26 2.17 21.19
C ASN B 13 -4.11 2.57 19.96
N LEU B 14 -3.56 2.30 18.76
CA LEU B 14 -4.28 2.67 17.55
C LEU B 14 -5.49 1.73 17.38
N TRP B 15 -5.28 0.43 17.61
CA TRP B 15 -6.38 -0.56 17.46
C TRP B 15 -7.56 -0.22 18.33
N GLY B 16 -7.31 0.34 19.52
CA GLY B 16 -8.44 0.69 20.38
C GLY B 16 -9.31 1.84 19.88
N LYS B 17 -8.83 2.54 18.84
CA LYS B 17 -9.56 3.59 18.19
C LYS B 17 -10.22 3.12 16.85
N VAL B 18 -10.05 1.85 16.51
CA VAL B 18 -10.54 1.41 15.15
C VAL B 18 -12.06 1.06 15.24
N ASN B 19 -12.81 1.71 14.35
CA ASN B 19 -14.22 1.36 14.10
C ASN B 19 -14.22 0.23 13.09
N VAL B 20 -14.38 -0.98 13.54
CA VAL B 20 -14.24 -2.18 12.69
C VAL B 20 -15.29 -2.24 11.61
N LYS B 21 -16.45 -1.68 11.83
CA LYS B 21 -17.48 -1.69 10.78
C LYS B 21 -17.06 -0.75 9.63
N GLU B 22 -16.70 0.48 9.97
CA GLU B 22 -16.43 1.47 8.96
C GLU B 22 -15.11 1.11 8.29
N LEU B 23 -14.05 0.80 9.01
CA LEU B 23 -12.75 0.56 8.40
C LEU B 23 -12.77 -0.78 7.74
N GLY B 24 -13.49 -1.76 8.23
CA GLY B 24 -13.46 -3.09 7.58
C GLY B 24 -14.16 -3.03 6.27
N GLY B 25 -15.31 -2.39 6.21
CA GLY B 25 -16.01 -2.21 4.93
C GLY B 25 -15.13 -1.47 3.95
N GLU B 26 -14.41 -0.47 4.44
CA GLU B 26 -13.59 0.33 3.53
C GLU B 26 -12.42 -0.47 3.01
N ALA B 27 -11.81 -1.30 3.86
CA ALA B 27 -10.66 -2.07 3.39
C ALA B 27 -11.07 -3.09 2.36
N LEU B 28 -12.14 -3.85 2.59
CA LEU B 28 -12.49 -4.85 1.57
C LEU B 28 -12.99 -4.21 0.31
N SER B 29 -13.78 -3.17 0.39
CA SER B 29 -14.21 -2.47 -0.83
C SER B 29 -13.03 -1.89 -1.59
N ARG B 30 -12.06 -1.32 -0.90
CA ARG B 30 -10.88 -0.80 -1.64
C ARG B 30 -10.12 -1.97 -2.27
N LEU B 31 -10.03 -3.14 -1.66
CA LEU B 31 -9.34 -4.25 -2.30
C LEU B 31 -10.02 -4.58 -3.62
N LEU B 32 -11.33 -4.63 -3.65
CA LEU B 32 -12.03 -5.03 -4.90
C LEU B 32 -12.01 -3.93 -5.91
N VAL B 33 -11.95 -2.64 -5.50
CA VAL B 33 -11.87 -1.53 -6.45
C VAL B 33 -10.49 -1.49 -7.04
N VAL B 34 -9.45 -1.60 -6.23
CA VAL B 34 -8.10 -1.40 -6.71
C VAL B 34 -7.51 -2.61 -7.42
N TYR B 35 -7.92 -3.81 -7.02
CA TYR B 35 -7.39 -5.05 -7.60
C TYR B 35 -8.57 -5.89 -8.07
N PRO B 36 -9.09 -5.62 -9.28
CA PRO B 36 -10.45 -6.09 -9.59
C PRO B 36 -10.61 -7.60 -9.69
N TRP B 37 -9.53 -8.31 -9.97
CA TRP B 37 -9.66 -9.75 -10.05
C TRP B 37 -10.13 -10.32 -8.71
N THR B 38 -9.98 -9.61 -7.61
CA THR B 38 -10.37 -10.18 -6.31
C THR B 38 -11.87 -10.26 -6.21
N ARG B 39 -12.60 -9.54 -7.08
CA ARG B 39 -14.07 -9.63 -7.15
C ARG B 39 -14.49 -11.07 -7.48
N ARG B 40 -13.65 -11.83 -8.19
CA ARG B 40 -14.03 -13.24 -8.56
C ARG B 40 -14.49 -14.08 -7.36
N PHE B 41 -13.87 -13.84 -6.20
CA PHE B 41 -14.11 -14.66 -5.02
C PHE B 41 -15.41 -14.29 -4.34
N PHE B 42 -15.96 -13.14 -4.72
CA PHE B 42 -17.14 -12.61 -4.05
C PHE B 42 -18.33 -12.46 -4.95
N GLU B 43 -18.35 -13.14 -6.11
CA GLU B 43 -19.45 -12.90 -7.09
C GLU B 43 -20.84 -13.28 -6.57
N HIS B 44 -20.84 -14.14 -5.58
CA HIS B 44 -22.06 -14.54 -4.89
C HIS B 44 -22.61 -13.47 -3.98
N PHE B 45 -21.83 -12.40 -3.78
CA PHE B 45 -22.34 -11.25 -3.06
C PHE B 45 -23.14 -10.26 -3.91
N GLY B 46 -23.48 -10.60 -5.16
CA GLY B 46 -24.29 -9.65 -5.90
C GLY B 46 -23.46 -8.72 -6.77
N ASP B 47 -24.02 -7.58 -7.15
CA ASP B 47 -23.47 -6.71 -8.16
C ASP B 47 -22.07 -6.19 -7.71
N LEU B 48 -21.05 -6.51 -8.48
CA LEU B 48 -19.63 -6.00 -8.31
C LEU B 48 -19.15 -5.45 -9.67
N SER B 49 -20.09 -5.07 -10.54
CA SER B 49 -19.71 -4.82 -11.93
C SER B 49 -18.88 -3.56 -12.14
N THR B 50 -18.99 -2.63 -11.20
CA THR B 50 -18.31 -1.36 -11.31
C THR B 50 -17.81 -1.02 -9.92
N ALA B 51 -16.94 -0.03 -9.82
CA ALA B 51 -16.45 0.39 -8.49
C ALA B 51 -17.60 0.88 -7.67
N ASP B 52 -18.50 1.64 -8.28
CA ASP B 52 -19.67 2.13 -7.54
C ASP B 52 -20.50 0.97 -6.98
N ALA B 53 -20.68 -0.11 -7.74
CA ALA B 53 -21.39 -1.27 -7.25
C ALA B 53 -20.64 -1.93 -6.06
N VAL B 54 -19.32 -2.03 -6.16
CA VAL B 54 -18.57 -2.57 -5.07
C VAL B 54 -18.74 -1.74 -3.80
N LEU B 55 -18.65 -0.42 -3.94
CA LEU B 55 -18.69 0.47 -2.79
C LEU B 55 -20.06 0.46 -2.12
N HIS B 56 -21.10 0.06 -2.86
CA HIS B 56 -22.47 0.03 -2.30
C HIS B 56 -22.94 -1.38 -2.01
N ASN B 57 -22.08 -2.36 -2.16
CA ASN B 57 -22.47 -3.71 -1.91
C ASN B 57 -22.53 -4.01 -0.41
N ALA B 58 -23.73 -4.21 0.11
CA ALA B 58 -23.89 -4.39 1.55
C ALA B 58 -23.15 -5.57 2.07
N LYS B 59 -23.07 -6.66 1.31
CA LYS B 59 -22.44 -7.87 1.74
C LYS B 59 -20.88 -7.71 1.78
N VAL B 60 -20.31 -7.04 0.76
CA VAL B 60 -18.88 -6.71 0.77
C VAL B 60 -18.60 -5.89 2.06
N LEU B 61 -19.43 -4.89 2.34
CA LEU B 61 -19.15 -4.06 3.52
C LEU B 61 -19.24 -4.88 4.79
N ALA B 62 -20.28 -5.72 4.93
CA ALA B 62 -20.45 -6.53 6.11
C ALA B 62 -19.30 -7.54 6.24
N HIS B 63 -18.85 -8.14 5.12
CA HIS B 63 -17.80 -9.09 5.19
C HIS B 63 -16.48 -8.45 5.64
N GLY B 64 -16.26 -7.22 5.16
CA GLY B 64 -15.08 -6.48 5.56
C GLY B 64 -14.98 -6.28 7.08
N GLU B 65 -16.11 -6.06 7.73
CA GLU B 65 -16.09 -5.95 9.21
C GLU B 65 -15.64 -7.29 9.82
N LYS B 66 -16.09 -8.41 9.28
CA LYS B 66 -15.65 -9.74 9.78
C LYS B 66 -14.15 -9.93 9.58
N VAL B 67 -13.65 -9.51 8.39
CA VAL B 67 -12.24 -9.62 8.14
C VAL B 67 -11.40 -8.77 9.10
N LEU B 68 -11.77 -7.50 9.31
CA LEU B 68 -11.01 -6.69 10.22
C LEU B 68 -11.12 -7.20 11.66
N THR B 69 -12.25 -7.71 12.08
CA THR B 69 -12.35 -8.37 13.41
C THR B 69 -11.33 -9.50 13.53
N SER B 70 -11.18 -10.26 12.45
CA SER B 70 -10.24 -11.36 12.43
C SER B 70 -8.82 -10.90 12.49
N PHE B 71 -8.45 -9.83 11.77
CA PHE B 71 -7.12 -9.19 11.89
C PHE B 71 -6.94 -8.79 13.36
N GLY B 72 -7.95 -8.21 13.98
CA GLY B 72 -7.89 -7.80 15.40
C GLY B 72 -7.52 -8.99 16.27
N GLU B 73 -8.05 -10.17 15.97
CA GLU B 73 -7.72 -11.40 16.74
C GLU B 73 -6.25 -11.76 16.60
N GLY B 74 -5.70 -11.59 15.39
CA GLY B 74 -4.24 -11.69 15.24
C GLY B 74 -3.46 -10.66 16.06
N LEU B 75 -3.92 -9.42 16.05
CA LEU B 75 -3.20 -8.30 16.61
C LEU B 75 -3.10 -8.41 18.12
N LYS B 76 -4.03 -9.18 18.67
CA LYS B 76 -4.17 -9.38 20.11
C LYS B 76 -3.53 -10.73 20.58
N HIS B 77 -3.17 -11.63 19.63
CA HIS B 77 -2.42 -12.93 19.78
C HIS B 77 -1.09 -13.01 18.99
N LEU B 78 -0.26 -11.99 19.06
CA LEU B 78 0.89 -11.88 18.17
C LEU B 78 1.95 -12.99 18.30
N ASP B 79 1.95 -13.70 19.42
CA ASP B 79 2.88 -14.83 19.55
C ASP B 79 2.37 -16.20 19.04
N ASN B 80 1.09 -16.29 18.65
CA ASN B 80 0.57 -17.52 18.02
C ASN B 80 -0.35 -17.23 16.85
N LEU B 81 0.20 -16.51 15.88
CA LEU B 81 -0.56 -16.27 14.68
C LEU B 81 -0.91 -17.54 13.89
N LYS B 82 0.04 -18.49 13.82
CA LYS B 82 -0.24 -19.73 13.09
C LYS B 82 -1.48 -20.44 13.66
N GLY B 83 -1.51 -20.52 15.00
CA GLY B 83 -2.66 -21.11 15.68
C GLY B 83 -3.95 -20.35 15.48
N THR B 84 -3.88 -19.03 15.66
CA THR B 84 -5.04 -18.17 15.55
C THR B 84 -5.68 -18.33 14.17
N PHE B 85 -4.83 -18.49 13.14
CA PHE B 85 -5.34 -18.51 11.77
C PHE B 85 -5.35 -19.87 11.07
N SER B 86 -5.06 -20.94 11.83
CA SER B 86 -5.06 -22.30 11.29
C SER B 86 -6.30 -22.69 10.48
N ASP B 87 -7.48 -22.63 11.07
CA ASP B 87 -8.69 -23.02 10.39
C ASP B 87 -8.99 -22.09 9.22
N LEU B 88 -8.71 -20.79 9.34
CA LEU B 88 -8.99 -19.84 8.23
C LEU B 88 -8.09 -20.09 6.98
N SER B 89 -6.85 -20.51 7.28
CA SER B 89 -5.83 -20.87 6.28
C SER B 89 -6.35 -22.06 5.52
N GLU B 90 -6.79 -23.08 6.24
CA GLU B 90 -7.42 -24.19 5.55
C GLU B 90 -8.64 -23.81 4.70
N LEU B 91 -9.51 -22.92 5.20
CA LEU B 91 -10.63 -22.45 4.44
C LEU B 91 -10.12 -21.73 3.18
N HIS B 92 -9.22 -20.77 3.38
CA HIS B 92 -8.74 -19.95 2.20
C HIS B 92 -7.97 -20.80 1.18
N CYS B 93 -7.19 -21.79 1.65
CA CYS B 93 -6.43 -22.63 0.72
C CYS B 93 -7.31 -23.70 0.16
N ASP B 94 -7.85 -24.53 1.04
CA ASP B 94 -8.51 -25.75 0.59
C ASP B 94 -9.89 -25.51 0.01
N LYS B 95 -10.65 -24.54 0.49
CA LYS B 95 -12.01 -24.37 -0.03
C LYS B 95 -12.20 -23.16 -0.94
N LEU B 96 -11.44 -22.11 -0.66
CA LEU B 96 -11.64 -20.89 -1.41
C LEU B 96 -10.60 -20.74 -2.51
N HIS B 97 -9.41 -21.34 -2.34
CA HIS B 97 -8.29 -21.31 -3.33
C HIS B 97 -7.87 -19.90 -3.71
N VAL B 98 -7.76 -19.13 -2.67
CA VAL B 98 -7.31 -17.78 -2.88
C VAL B 98 -5.83 -17.80 -2.95
N ASP B 99 -5.27 -17.27 -4.07
CA ASP B 99 -3.85 -17.19 -4.04
C ASP B 99 -3.28 -16.37 -2.93
N PRO B 100 -2.28 -16.87 -2.18
CA PRO B 100 -1.81 -16.18 -1.03
C PRO B 100 -1.20 -14.80 -1.24
N GLN B 101 -0.83 -14.46 -2.48
CA GLN B 101 -0.36 -13.11 -2.75
C GLN B 101 -1.45 -12.04 -2.44
N ASN B 102 -2.69 -12.45 -2.61
CA ASN B 102 -3.80 -11.53 -2.33
C ASN B 102 -3.87 -11.15 -0.85
N PHE B 103 -3.35 -11.99 0.04
CA PHE B 103 -3.35 -11.61 1.47
C PHE B 103 -2.45 -10.43 1.72
N ARG B 104 -1.34 -10.34 0.98
CA ARG B 104 -0.45 -9.23 1.03
C ARG B 104 -1.12 -7.94 0.50
N LEU B 105 -1.91 -8.09 -0.58
CA LEU B 105 -2.61 -6.94 -1.13
C LEU B 105 -3.64 -6.39 -0.15
N LEU B 106 -4.36 -7.30 0.51
CA LEU B 106 -5.32 -6.81 1.49
C LEU B 106 -4.60 -6.12 2.69
N GLY B 107 -3.46 -6.68 3.12
CA GLY B 107 -2.69 -5.99 4.14
C GLY B 107 -2.26 -4.59 3.67
N ASN B 108 -1.85 -4.45 2.40
CA ASN B 108 -1.44 -3.15 1.93
C ASN B 108 -2.62 -2.18 2.01
N VAL B 109 -3.81 -2.61 1.57
CA VAL B 109 -4.99 -1.72 1.62
C VAL B 109 -5.34 -1.39 3.08
N LEU B 110 -5.25 -2.36 3.97
CA LEU B 110 -5.56 -2.07 5.38
C LEU B 110 -4.60 -1.03 5.94
N VAL B 111 -3.29 -1.14 5.65
CA VAL B 111 -2.38 -0.11 6.12
C VAL B 111 -2.75 1.28 5.56
N ILE B 112 -3.12 1.34 4.28
CA ILE B 112 -3.57 2.60 3.69
C ILE B 112 -4.86 3.14 4.34
N VAL B 113 -5.79 2.28 4.70
CA VAL B 113 -7.02 2.72 5.40
C VAL B 113 -6.66 3.24 6.80
N LEU B 114 -5.76 2.56 7.49
CA LEU B 114 -5.35 3.09 8.81
C LEU B 114 -4.74 4.43 8.66
N ALA B 115 -3.88 4.60 7.64
CA ALA B 115 -3.27 5.92 7.43
C ALA B 115 -4.34 6.94 7.13
N ARG B 116 -5.38 6.60 6.35
CA ARG B 116 -6.37 7.57 6.01
C ARG B 116 -7.12 8.07 7.28
N HIS B 117 -7.36 7.17 8.20
CA HIS B 117 -8.18 7.52 9.35
C HIS B 117 -7.35 8.11 10.47
N PHE B 118 -6.08 7.79 10.55
CA PHE B 118 -5.25 8.24 11.73
C PHE B 118 -4.36 9.42 11.36
N GLY B 119 -4.25 9.76 10.08
CA GLY B 119 -3.47 10.94 9.68
C GLY B 119 -2.07 10.97 10.23
N LYS B 120 -1.75 12.13 10.79
CA LYS B 120 -0.41 12.33 11.35
C LYS B 120 -0.05 11.40 12.51
N GLU B 121 -1.03 10.79 13.18
CA GLU B 121 -0.75 9.79 14.19
C GLU B 121 -0.20 8.47 13.67
N PHE B 122 -0.41 8.23 12.33
CA PHE B 122 0.04 7.03 11.74
C PHE B 122 1.45 7.30 11.20
N THR B 123 2.39 7.39 12.15
CA THR B 123 3.71 7.87 11.83
C THR B 123 4.48 6.80 11.08
N PRO B 124 5.66 7.16 10.54
CA PRO B 124 6.45 6.11 9.94
C PRO B 124 6.73 4.96 10.88
N ASP B 125 7.00 5.27 12.19
CA ASP B 125 7.22 4.18 13.16
C ASP B 125 5.97 3.28 13.46
N VAL B 126 4.82 3.96 13.51
CA VAL B 126 3.57 3.23 13.73
C VAL B 126 3.24 2.36 12.50
N GLN B 127 3.45 2.94 11.31
CA GLN B 127 3.30 2.14 10.12
C GLN B 127 4.21 0.91 10.13
N ALA B 128 5.51 1.10 10.47
CA ALA B 128 6.40 -0.04 10.39
C ALA B 128 5.96 -1.20 11.35
N ALA B 129 5.42 -0.80 12.50
CA ALA B 129 4.85 -1.85 13.41
C ALA B 129 3.63 -2.57 12.76
N TYR B 130 2.75 -1.77 12.14
CA TYR B 130 1.64 -2.45 11.37
C TYR B 130 2.06 -3.29 10.18
N GLU B 131 3.14 -2.91 9.48
CA GLU B 131 3.60 -3.71 8.38
C GLU B 131 4.05 -5.10 8.86
N LYS B 132 4.66 -5.11 10.05
CA LYS B 132 5.06 -6.43 10.63
C LYS B 132 3.83 -7.29 11.00
N VAL B 133 2.85 -6.63 11.61
CA VAL B 133 1.54 -7.27 11.92
C VAL B 133 0.85 -7.82 10.65
N VAL B 134 0.65 -6.99 9.61
CA VAL B 134 -0.07 -7.54 8.45
C VAL B 134 0.68 -8.66 7.73
N ALA B 135 2.04 -8.51 7.70
CA ALA B 135 2.85 -9.53 7.06
C ALA B 135 2.73 -10.86 7.83
N GLY B 136 2.68 -10.70 9.14
CA GLY B 136 2.50 -11.88 10.03
C GLY B 136 1.18 -12.57 9.81
N VAL B 137 0.13 -11.77 9.71
CA VAL B 137 -1.17 -12.33 9.45
C VAL B 137 -1.23 -13.02 8.08
N ALA B 138 -0.69 -12.38 7.03
CA ALA B 138 -0.67 -13.02 5.72
C ALA B 138 0.09 -14.36 5.71
N ASN B 139 1.26 -14.34 6.39
CA ASN B 139 2.10 -15.55 6.49
C ASN B 139 1.31 -16.65 7.17
N ALA B 140 0.64 -16.26 8.26
CA ALA B 140 -0.13 -17.27 9.03
C ALA B 140 -1.31 -17.77 8.24
N LEU B 141 -1.96 -16.86 7.52
CA LEU B 141 -3.02 -17.31 6.70
C LEU B 141 -2.57 -18.22 5.52
N ALA B 142 -1.33 -18.03 5.06
CA ALA B 142 -0.80 -18.83 3.98
C ALA B 142 -0.28 -20.22 4.44
N HIS B 143 -0.17 -20.40 5.75
CA HIS B 143 0.56 -21.58 6.29
C HIS B 143 0.11 -22.97 5.79
N LYS B 144 -1.19 -23.16 5.66
CA LYS B 144 -1.77 -24.46 5.28
C LYS B 144 -1.81 -24.64 3.77
N TYR B 145 -1.01 -23.79 3.10
CA TYR B 145 -0.61 -23.91 1.71
C TYR B 145 0.92 -24.31 1.66
N HIS B 146 1.63 -24.05 2.76
CA HIS B 146 3.09 -24.26 2.85
C HIS B 146 3.42 -25.68 3.34
CHA HEM C . 18.11 7.93 -8.10
CHB HEM C . 13.37 8.55 -9.26
CHC HEM C . 12.33 4.22 -7.28
CHD HEM C . 16.95 3.81 -5.69
C1A HEM C . 16.91 8.45 -8.58
C2A HEM C . 16.77 9.76 -9.18
C3A HEM C . 15.47 9.92 -9.47
C4A HEM C . 14.73 8.75 -9.03
CMA HEM C . 14.83 11.14 -10.12
CAA HEM C . 17.99 10.67 -9.50
CBA HEM C . 18.16 11.60 -8.38
CGA HEM C . 19.25 12.59 -8.77
O1A HEM C . 19.34 13.01 -9.96
O2A HEM C . 20.02 12.94 -7.84
C1B HEM C . 12.71 7.41 -8.85
C2B HEM C . 11.32 7.14 -9.01
C3B HEM C . 11.03 5.96 -8.50
C4B HEM C . 12.24 5.42 -7.95
CMB HEM C . 10.42 8.09 -9.81
CAB HEM C . 9.72 5.20 -8.48
CBB HEM C . 8.54 5.77 -8.53
C1C HEM C . 13.47 3.75 -6.68
C2C HEM C . 13.56 2.59 -5.84
C3C HEM C . 14.85 2.49 -5.41
C4C HEM C . 15.59 3.63 -5.95
CMC HEM C . 12.36 1.64 -5.54
CAC HEM C . 15.47 1.47 -4.44
CBC HEM C . 14.80 1.02 -3.37
C1D HEM C . 17.63 4.91 -6.16
C2D HEM C . 19.01 5.20 -5.84
C3D HEM C . 19.33 6.41 -6.57
C4D HEM C . 18.17 6.82 -7.27
CMD HEM C . 19.89 4.33 -4.95
CAD HEM C . 20.68 7.19 -6.53
CBD HEM C . 20.50 8.22 -5.44
CGD HEM C . 21.75 9.08 -5.17
O1D HEM C . 22.86 8.53 -5.13
O2D HEM C . 21.58 10.31 -4.90
NA HEM C . 15.66 7.90 -8.45
NB HEM C . 13.25 6.34 -8.15
NC HEM C . 14.76 4.34 -6.77
ND HEM C . 17.13 5.91 -7.04
FE HEM C . 15.21 6.08 -7.65
S SO4 D . 22.53 -8.97 -20.92
O1 SO4 D . 21.41 -8.17 -21.47
O2 SO4 D . 21.95 -10.21 -20.29
O3 SO4 D . 23.44 -9.37 -21.99
O4 SO4 D . 23.13 -8.18 -19.87
CHA HEM E . -13.96 -15.65 4.43
CHB HEM E . -10.51 -13.50 7.13
CHC HEM E . -8.11 -12.48 3.06
CHD HEM E . -11.72 -14.34 0.37
C1A HEM E . -13.25 -15.13 5.46
C2A HEM E . -13.69 -15.12 6.83
C3A HEM E . -12.77 -14.53 7.57
C4A HEM E . -11.66 -14.12 6.74
CMA HEM E . -12.77 -14.27 9.09
CAA HEM E . -15.06 -15.70 7.34
CBA HEM E . -14.81 -17.14 7.74
CGA HEM E . -16.05 -17.82 8.28
O1A HEM E . -17.01 -17.11 8.75
O2A HEM E . -16.08 -19.08 8.20
C1B HEM E . -9.54 -13.07 6.27
C2B HEM E . -8.33 -12.39 6.66
C3B HEM E . -7.66 -12.09 5.53
C4B HEM E . -8.43 -12.62 4.42
CMB HEM E . -7.92 -12.09 8.11
CAB HEM E . -6.30 -11.40 5.53
CBB HEM E . -5.37 -11.66 4.65
C1C HEM E . -8.89 -12.80 1.97
C2C HEM E . -8.62 -12.47 0.58
C3C HEM E . -9.58 -12.99 -0.14
C4C HEM E . -10.56 -13.70 0.71
CMC HEM E . -7.39 -11.65 0.16
CAC HEM E . -9.84 -12.94 -1.62
CBC HEM E . -9.35 -12.00 -2.42
C1D HEM E . -12.66 -14.83 1.27
C2D HEM E . -13.92 -15.39 0.81
C3D HEM E . -14.62 -15.78 2.06
C4D HEM E . -13.69 -15.44 3.09
CMD HEM E . -14.49 -15.50 -0.60
CAD HEM E . -16.01 -16.42 2.14
CBD HEM E . -17.05 -15.31 2.06
CGD HEM E . -18.49 -15.74 2.15
O1D HEM E . -19.18 -15.36 3.13
O2D HEM E . -18.99 -16.39 1.23
NA HEM E . -12.02 -14.50 5.44
NB HEM E . -9.58 -13.16 4.91
NC HEM E . -10.07 -13.52 2.00
ND HEM E . -12.49 -14.87 2.63
FE HEM E . -11.04 -14.08 3.69
S SO4 F . -20.35 -8.86 -11.40
O1 SO4 F . -21.53 -8.34 -10.62
O2 SO4 F . -20.97 -9.29 -12.70
O3 SO4 F . -19.43 -7.79 -11.56
O4 SO4 F . -19.80 -10.04 -10.77
#